data_5YWR
#
_entry.id   5YWR
#
_cell.length_a   47.430
_cell.length_b   59.548
_cell.length_c   94.792
_cell.angle_alpha   90.00
_cell.angle_beta   90.00
_cell.angle_gamma   90.00
#
_symmetry.space_group_name_H-M   'P 21 21 21'
#
loop_
_entity.id
_entity.type
_entity.pdbx_description
1 polymer 'Ubiquitin-conjugating enzyme E2 N'
2 polymer 'E3 ubiquitin-protein ligase ZNRF1'
3 non-polymer 'TRIETHYLENE GLYCOL'
4 non-polymer 'FORMIC ACID'
5 non-polymer 'ZINC ION'
6 water water
#
loop_
_entity_poly.entity_id
_entity_poly.type
_entity_poly.pdbx_seq_one_letter_code
_entity_poly.pdbx_strand_id
1 'polypeptide(L)'
;MAGLPRRIIKETQRLLAEPVPGIKAEPDESNARYFHVVIAGPQDSPFEGGTFKLELFLPEEYPMAAPKVRFMTKIYHPNV
DKLGRICLDILKDKWSPALQIRTVLLSIQALLSAPNPDDPLANDVAEQWKTNEAQAIETARAWTRLYAMNNI
;
A
2 'polypeptide(L)'
;SHSGFKCPICSKSVASDEMEMHFIMCLSKPRLSYNDDVLTKDAGECVICLEELLQGDTIARLPCLCIYHKSCIDSWFEVN
RSCPEHPAD
;
B
#
# COMPACT_ATOMS: atom_id res chain seq x y z
N GLY A 3 -6.76 17.89 -12.13
CA GLY A 3 -7.64 17.90 -10.97
C GLY A 3 -7.61 16.60 -10.17
N LEU A 4 -7.98 16.69 -8.90
CA LEU A 4 -8.00 15.50 -8.06
C LEU A 4 -9.23 14.65 -8.39
N PRO A 5 -9.06 13.36 -8.64
CA PRO A 5 -10.22 12.48 -8.78
C PRO A 5 -11.03 12.44 -7.50
N ARG A 6 -12.30 12.09 -7.63
N ARG A 6 -12.29 12.06 -7.65
CA ARG A 6 -13.17 12.13 -6.45
CA ARG A 6 -13.24 12.04 -6.54
C ARG A 6 -12.68 11.20 -5.34
C ARG A 6 -12.74 11.18 -5.40
N ARG A 7 -12.06 10.07 -5.70
CA ARG A 7 -11.55 9.18 -4.67
C ARG A 7 -10.58 9.90 -3.75
N ILE A 8 -9.69 10.72 -4.30
CA ILE A 8 -8.73 11.42 -3.46
C ILE A 8 -9.44 12.44 -2.57
N ILE A 9 -10.40 13.16 -3.13
CA ILE A 9 -11.18 14.11 -2.34
C ILE A 9 -11.88 13.40 -1.19
N LYS A 10 -12.49 12.24 -1.46
CA LYS A 10 -13.19 11.49 -0.41
C LYS A 10 -12.22 10.99 0.65
N GLU A 11 -11.10 10.39 0.24
CA GLU A 11 -10.13 9.90 1.21
C GLU A 11 -9.62 11.05 2.07
N THR A 12 -9.35 12.20 1.45
CA THR A 12 -8.84 13.34 2.19
C THR A 12 -9.86 13.82 3.23
N GLN A 13 -11.13 13.93 2.83
N GLN A 13 -11.12 13.95 2.82
CA GLN A 13 -12.15 14.39 3.76
CA GLN A 13 -12.14 14.39 3.77
C GLN A 13 -12.38 13.39 4.89
C GLN A 13 -12.32 13.39 4.90
N ARG A 14 -12.30 12.09 4.58
CA ARG A 14 -12.51 11.08 5.61
C ARG A 14 -11.31 10.98 6.56
N LEU A 15 -10.10 11.30 6.07
CA LEU A 15 -8.96 11.41 6.98
C LEU A 15 -9.13 12.57 7.94
N LEU A 16 -9.68 13.69 7.45
CA LEU A 16 -9.90 14.84 8.31
C LEU A 16 -11.02 14.58 9.31
N ALA A 17 -12.12 13.98 8.85
CA ALA A 17 -13.27 13.78 9.71
C ALA A 17 -13.06 12.62 10.68
N GLU A 18 -12.39 11.56 10.25
N GLU A 18 -12.40 11.56 10.23
CA GLU A 18 -12.17 10.37 11.07
CA GLU A 18 -12.16 10.36 11.03
C GLU A 18 -10.69 9.99 11.01
C GLU A 18 -10.68 10.02 10.97
N PRO A 19 -9.85 10.68 11.75
CA PRO A 19 -8.42 10.36 11.74
C PRO A 19 -8.17 8.99 12.33
N VAL A 20 -7.07 8.40 11.91
CA VAL A 20 -6.66 7.10 12.44
C VAL A 20 -5.98 7.32 13.79
N PRO A 21 -6.36 6.57 14.83
CA PRO A 21 -5.66 6.70 16.12
C PRO A 21 -4.17 6.48 15.96
N GLY A 22 -3.38 7.35 16.58
CA GLY A 22 -1.95 7.26 16.53
C GLY A 22 -1.29 7.74 15.25
N ILE A 23 -2.06 8.26 14.29
CA ILE A 23 -1.51 8.70 13.02
C ILE A 23 -2.11 10.05 12.67
N LYS A 24 -1.24 11.04 12.45
CA LYS A 24 -1.64 12.32 11.92
C LYS A 24 -1.33 12.33 10.43
N ALA A 25 -2.28 12.79 9.62
CA ALA A 25 -2.11 12.80 8.18
C ALA A 25 -2.89 13.98 7.62
N GLU A 26 -2.18 14.96 7.07
CA GLU A 26 -2.84 16.14 6.55
C GLU A 26 -2.29 16.47 5.17
N PRO A 27 -3.15 16.93 4.26
CA PRO A 27 -2.66 17.28 2.93
C PRO A 27 -1.78 18.52 2.97
N ASP A 28 -0.77 18.52 2.10
CA ASP A 28 0.05 19.69 1.89
C ASP A 28 -0.79 20.85 1.36
N GLU A 29 -0.45 22.07 1.79
CA GLU A 29 -1.24 23.24 1.42
C GLU A 29 -1.05 23.63 -0.05
N SER A 30 0.11 23.30 -0.64
CA SER A 30 0.40 23.74 -2.00
C SER A 30 0.03 22.70 -3.05
N ASN A 31 0.31 21.43 -2.77
CA ASN A 31 0.06 20.33 -3.69
C ASN A 31 -0.67 19.25 -2.90
N ALA A 32 -1.97 19.09 -3.17
CA ALA A 32 -2.86 18.23 -2.40
C ALA A 32 -2.64 16.75 -2.65
N ARG A 33 -1.72 16.38 -3.55
CA ARG A 33 -1.32 14.98 -3.67
C ARG A 33 -0.26 14.58 -2.66
N TYR A 34 0.34 15.54 -1.95
CA TYR A 34 1.29 15.27 -0.89
C TYR A 34 0.59 15.31 0.46
N PHE A 35 0.98 14.42 1.35
CA PHE A 35 0.47 14.39 2.71
C PHE A 35 1.64 14.38 3.68
N HIS A 36 1.53 15.19 4.72
CA HIS A 36 2.50 15.21 5.80
C HIS A 36 1.96 14.34 6.92
N VAL A 37 2.74 13.35 7.31
CA VAL A 37 2.28 12.27 8.18
C VAL A 37 3.16 12.23 9.42
N VAL A 38 2.55 11.97 10.57
CA VAL A 38 3.26 11.61 11.79
C VAL A 38 2.66 10.31 12.31
N ILE A 39 3.49 9.28 12.44
CA ILE A 39 3.08 7.99 12.97
C ILE A 39 3.67 7.85 14.37
N ALA A 40 2.83 7.55 15.35
CA ALA A 40 3.33 7.23 16.68
C ALA A 40 3.99 5.86 16.68
N GLY A 41 5.13 5.76 17.34
CA GLY A 41 5.77 4.47 17.52
C GLY A 41 4.85 3.53 18.27
N PRO A 42 4.72 2.28 17.81
CA PRO A 42 3.81 1.35 18.47
C PRO A 42 4.24 1.09 19.91
N GLN A 43 3.24 0.96 20.78
N GLN A 43 3.25 0.98 20.79
CA GLN A 43 3.53 0.61 22.17
CA GLN A 43 3.55 0.63 22.16
C GLN A 43 4.19 -0.76 22.22
C GLN A 43 4.21 -0.75 22.21
N ASP A 44 5.12 -0.92 23.17
CA ASP A 44 5.82 -2.19 23.37
C ASP A 44 6.66 -2.60 22.16
N SER A 45 7.08 -1.61 21.37
CA SER A 45 8.13 -1.76 20.37
C SER A 45 9.26 -0.83 20.80
N PRO A 46 10.47 -1.00 20.25
CA PRO A 46 11.56 -0.06 20.55
C PRO A 46 11.26 1.36 20.09
N PHE A 47 10.19 1.57 19.33
CA PHE A 47 9.82 2.87 18.82
C PHE A 47 8.78 3.56 19.68
N GLU A 48 8.37 2.94 20.78
CA GLU A 48 7.34 3.50 21.66
C GLU A 48 7.74 4.87 22.15
N GLY A 49 6.79 5.81 22.16
CA GLY A 49 7.03 7.17 22.56
C GLY A 49 7.58 8.06 21.46
N GLY A 50 7.94 7.50 20.32
CA GLY A 50 8.45 8.29 19.21
C GLY A 50 7.35 8.82 18.32
N THR A 51 7.65 9.93 17.66
CA THR A 51 6.79 10.53 16.64
C THR A 51 7.61 10.62 15.36
N PHE A 52 7.22 9.83 14.36
CA PHE A 52 8.01 9.68 13.15
C PHE A 52 7.32 10.43 12.01
N LYS A 53 8.01 11.38 11.41
CA LYS A 53 7.49 12.10 10.27
C LYS A 53 7.67 11.27 9.00
N LEU A 54 6.65 11.29 8.15
CA LEU A 54 6.74 10.66 6.84
C LEU A 54 6.11 11.59 5.81
N GLU A 55 6.57 11.44 4.56
CA GLU A 55 5.98 12.11 3.42
C GLU A 55 5.30 11.07 2.55
N LEU A 56 4.03 11.31 2.22
CA LEU A 56 3.28 10.44 1.33
C LEU A 56 2.88 11.23 0.09
N PHE A 57 2.99 10.59 -1.07
CA PHE A 57 2.64 11.21 -2.35
C PHE A 57 1.74 10.28 -3.13
N LEU A 58 0.66 10.82 -3.69
CA LEU A 58 -0.26 10.06 -4.52
C LEU A 58 0.10 10.29 -5.99
N PRO A 59 0.67 9.29 -6.67
CA PRO A 59 1.01 9.47 -8.08
C PRO A 59 -0.23 9.66 -8.94
N GLU A 60 0.01 10.17 -10.16
CA GLU A 60 -1.09 10.47 -11.08
C GLU A 60 -1.99 9.27 -11.31
N GLU A 61 -1.41 8.07 -11.32
CA GLU A 61 -2.16 6.84 -11.59
C GLU A 61 -2.92 6.31 -10.38
N TYR A 62 -2.75 6.90 -9.20
CA TYR A 62 -3.45 6.43 -8.01
C TYR A 62 -4.95 6.40 -8.28
N PRO A 63 -5.67 5.34 -7.89
CA PRO A 63 -5.24 4.18 -7.08
C PRO A 63 -4.74 2.97 -7.87
N MET A 64 -4.40 3.14 -9.14
CA MET A 64 -3.81 2.05 -9.89
C MET A 64 -2.34 1.82 -9.53
N ALA A 65 -1.71 2.81 -8.91
CA ALA A 65 -0.38 2.68 -8.35
C ALA A 65 -0.43 3.06 -6.88
N ALA A 66 0.49 2.48 -6.12
CA ALA A 66 0.55 2.72 -4.68
C ALA A 66 1.02 4.14 -4.38
N PRO A 67 0.62 4.68 -3.23
CA PRO A 67 1.27 5.92 -2.76
C PRO A 67 2.77 5.67 -2.61
N LYS A 68 3.54 6.73 -2.82
CA LYS A 68 4.96 6.73 -2.53
C LYS A 68 5.16 7.31 -1.14
N VAL A 69 5.80 6.56 -0.26
CA VAL A 69 5.91 6.93 1.15
C VAL A 69 7.35 6.76 1.58
N ARG A 70 7.88 7.76 2.29
CA ARG A 70 9.21 7.68 2.85
C ARG A 70 9.23 8.31 4.24
N PHE A 71 10.08 7.76 5.11
CA PHE A 71 10.32 8.38 6.39
C PHE A 71 11.17 9.63 6.23
N MET A 72 10.79 10.68 6.96
CA MET A 72 11.58 11.90 7.07
C MET A 72 12.33 12.00 8.39
N THR A 73 12.01 11.12 9.33
CA THR A 73 12.70 11.01 10.61
C THR A 73 13.61 9.79 10.54
N LYS A 74 14.85 9.96 11.00
CA LYS A 74 15.79 8.85 11.07
C LYS A 74 15.20 7.76 11.97
N ILE A 75 15.31 6.51 11.52
CA ILE A 75 14.76 5.37 12.24
C ILE A 75 15.63 4.15 11.99
N TYR A 76 15.84 3.35 13.04
CA TYR A 76 16.67 2.14 12.96
C TYR A 76 15.72 0.94 12.84
N HIS A 77 15.53 0.46 11.61
CA HIS A 77 14.54 -0.57 11.35
C HIS A 77 14.99 -1.35 10.13
N PRO A 78 14.88 -2.68 10.14
CA PRO A 78 15.44 -3.48 9.03
C PRO A 78 14.77 -3.23 7.68
N ASN A 79 13.58 -2.63 7.67
CA ASN A 79 12.85 -2.39 6.43
C ASN A 79 12.84 -0.94 6.01
N VAL A 80 13.65 -0.10 6.64
CA VAL A 80 13.77 1.31 6.28
C VAL A 80 15.25 1.59 6.01
N ASP A 81 15.57 2.06 4.82
CA ASP A 81 16.95 2.32 4.48
C ASP A 81 17.38 3.73 4.92
N LYS A 82 18.64 4.06 4.67
CA LYS A 82 19.18 5.34 5.13
C LYS A 82 18.56 6.53 4.41
N LEU A 83 17.89 6.31 3.28
CA LEU A 83 17.14 7.36 2.60
C LEU A 83 15.69 7.43 3.05
N GLY A 84 15.30 6.63 4.05
CA GLY A 84 13.93 6.61 4.51
C GLY A 84 12.99 5.81 3.66
N ARG A 85 13.50 5.11 2.64
CA ARG A 85 12.64 4.30 1.79
C ARG A 85 12.20 3.04 2.53
N ILE A 86 10.97 2.62 2.28
CA ILE A 86 10.31 1.58 3.06
C ILE A 86 10.16 0.34 2.20
N CYS A 87 10.65 -0.79 2.72
CA CYS A 87 10.50 -2.08 2.05
C CYS A 87 9.25 -2.74 2.60
N LEU A 88 8.13 -2.59 1.90
CA LEU A 88 6.84 -3.08 2.35
C LEU A 88 6.08 -3.54 1.13
N ASP A 89 5.60 -4.80 1.15
CA ASP A 89 5.08 -5.41 -0.07
C ASP A 89 3.89 -4.65 -0.63
N ILE A 90 3.01 -4.13 0.23
CA ILE A 90 1.83 -3.41 -0.27
C ILE A 90 2.18 -2.08 -0.93
N LEU A 91 3.39 -1.58 -0.76
CA LEU A 91 3.84 -0.41 -1.50
C LEU A 91 4.45 -0.77 -2.84
N LYS A 92 4.60 -2.06 -3.14
CA LYS A 92 5.15 -2.50 -4.42
C LYS A 92 4.30 -3.61 -5.02
N ASP A 93 4.81 -4.85 -4.99
CA ASP A 93 4.17 -5.92 -5.76
C ASP A 93 2.77 -6.23 -5.26
N LYS A 94 2.50 -6.03 -3.97
CA LYS A 94 1.23 -6.39 -3.38
C LYS A 94 0.29 -5.20 -3.22
N TRP A 95 0.53 -4.11 -3.94
CA TRP A 95 -0.43 -3.02 -3.94
C TRP A 95 -1.78 -3.50 -4.47
N SER A 96 -2.86 -2.97 -3.90
CA SER A 96 -4.21 -3.20 -4.37
C SER A 96 -4.98 -1.89 -4.17
N PRO A 97 -5.84 -1.52 -5.12
CA PRO A 97 -6.66 -0.31 -4.94
C PRO A 97 -7.69 -0.44 -3.83
N ALA A 98 -7.89 -1.64 -3.28
CA ALA A 98 -8.71 -1.78 -2.08
C ALA A 98 -8.06 -1.10 -0.88
N LEU A 99 -6.73 -1.01 -0.88
CA LEU A 99 -6.02 -0.27 0.15
C LEU A 99 -6.17 1.23 -0.08
N GLN A 100 -6.02 1.99 1.00
CA GLN A 100 -6.20 3.43 0.99
C GLN A 100 -5.07 4.07 1.79
N ILE A 101 -5.01 5.40 1.78
CA ILE A 101 -3.99 6.09 2.56
C ILE A 101 -4.00 5.59 4.01
N ARG A 102 -5.19 5.54 4.61
CA ARG A 102 -5.27 5.21 6.02
C ARG A 102 -4.78 3.78 6.31
N THR A 103 -5.10 2.83 5.43
CA THR A 103 -4.63 1.47 5.66
C THR A 103 -3.17 1.26 5.23
N VAL A 104 -2.67 2.06 4.29
CA VAL A 104 -1.23 2.07 4.01
C VAL A 104 -0.45 2.54 5.21
N LEU A 105 -0.90 3.64 5.83
CA LEU A 105 -0.19 4.16 6.99
C LEU A 105 -0.27 3.22 8.18
N LEU A 106 -1.43 2.58 8.39
CA LEU A 106 -1.52 1.57 9.43
C LEU A 106 -0.60 0.39 9.15
N SER A 107 -0.45 0.03 7.87
CA SER A 107 0.46 -1.07 7.52
C SER A 107 1.89 -0.73 7.89
N ILE A 108 2.29 0.52 7.68
CA ILE A 108 3.64 0.95 8.06
C ILE A 108 3.80 0.92 9.56
N GLN A 109 2.81 1.44 10.30
CA GLN A 109 2.86 1.39 11.76
C GLN A 109 2.96 -0.06 12.25
N ALA A 110 2.20 -0.97 11.65
CA ALA A 110 2.28 -2.37 12.05
C ALA A 110 3.64 -2.96 11.72
N LEU A 111 4.27 -2.54 10.63
CA LEU A 111 5.61 -2.97 10.31
C LEU A 111 6.62 -2.49 11.34
N LEU A 112 6.40 -1.31 11.93
CA LEU A 112 7.27 -0.88 13.02
C LEU A 112 7.16 -1.81 14.21
N SER A 113 5.95 -2.32 14.46
CA SER A 113 5.74 -3.23 15.59
C SER A 113 6.35 -4.60 15.32
N ALA A 114 6.30 -5.05 14.06
CA ALA A 114 6.75 -6.39 13.68
C ALA A 114 7.67 -6.28 12.48
N PRO A 115 8.94 -5.91 12.70
CA PRO A 115 9.89 -5.80 11.59
C PRO A 115 10.11 -7.14 10.90
N ASN A 116 10.53 -7.07 9.64
CA ASN A 116 10.84 -8.25 8.84
C ASN A 116 12.31 -8.22 8.40
N PRO A 117 13.23 -8.70 9.24
CA PRO A 117 14.64 -8.72 8.84
C PRO A 117 14.97 -9.79 7.79
N ASP A 118 14.01 -10.64 7.43
CA ASP A 118 14.25 -11.72 6.48
C ASP A 118 13.94 -11.33 5.04
N ASP A 119 13.60 -10.07 4.78
CA ASP A 119 13.30 -9.65 3.41
C ASP A 119 14.54 -9.81 2.54
N PRO A 120 14.39 -10.26 1.29
CA PRO A 120 15.58 -10.60 0.48
C PRO A 120 16.61 -9.50 0.34
N LEU A 121 16.21 -8.23 0.32
CA LEU A 121 17.18 -7.14 0.16
C LEU A 121 18.08 -7.07 1.38
N ALA A 122 19.38 -7.19 1.16
CA ALA A 122 20.35 -7.34 2.24
C ALA A 122 20.83 -5.98 2.72
N ASN A 123 20.64 -5.71 4.02
CA ASN A 123 21.09 -4.46 4.62
C ASN A 123 21.70 -4.72 5.99
N ASP A 124 22.47 -3.75 6.48
CA ASP A 124 23.20 -3.92 7.73
C ASP A 124 22.26 -3.97 8.92
N VAL A 125 21.16 -3.22 8.89
CA VAL A 125 20.24 -3.20 10.02
C VAL A 125 19.55 -4.55 10.17
N ALA A 126 19.16 -5.16 9.04
CA ALA A 126 18.55 -6.49 9.11
C ALA A 126 19.54 -7.53 9.61
N GLU A 127 20.82 -7.39 9.25
CA GLU A 127 21.85 -8.28 9.75
C GLU A 127 21.96 -8.18 11.27
N GLN A 128 22.02 -6.95 11.79
CA GLN A 128 22.07 -6.75 13.23
C GLN A 128 20.85 -7.34 13.91
N TRP A 129 19.66 -7.19 13.30
CA TRP A 129 18.45 -7.73 13.87
C TRP A 129 18.51 -9.24 13.98
N LYS A 130 19.20 -9.91 13.05
CA LYS A 130 19.29 -11.36 13.07
C LYS A 130 20.45 -11.87 13.91
N THR A 131 21.57 -11.16 13.96
CA THR A 131 22.72 -11.64 14.70
C THR A 131 22.77 -11.16 16.14
N ASN A 132 22.21 -9.98 16.44
CA ASN A 132 22.18 -9.47 17.81
C ASN A 132 20.90 -8.64 17.97
N GLU A 133 19.78 -9.34 18.08
CA GLU A 133 18.48 -8.68 18.15
C GLU A 133 18.36 -7.78 19.37
N ALA A 134 18.92 -8.19 20.50
CA ALA A 134 18.82 -7.39 21.72
C ALA A 134 19.51 -6.05 21.54
N GLN A 135 20.70 -6.04 20.95
CA GLN A 135 21.41 -4.78 20.73
C GLN A 135 20.73 -3.94 19.64
N ALA A 136 20.22 -4.59 18.59
CA ALA A 136 19.50 -3.87 17.55
C ALA A 136 18.27 -3.16 18.12
N ILE A 137 17.55 -3.84 19.00
CA ILE A 137 16.39 -3.23 19.65
C ILE A 137 16.82 -2.04 20.50
N GLU A 138 17.93 -2.20 21.23
CA GLU A 138 18.41 -1.10 22.06
C GLU A 138 18.87 0.08 21.20
N THR A 139 19.49 -0.20 20.05
CA THR A 139 19.85 0.88 19.14
C THR A 139 18.60 1.59 18.61
N ALA A 140 17.57 0.81 18.26
CA ALA A 140 16.31 1.40 17.82
C ALA A 140 15.69 2.27 18.91
N ARG A 141 15.82 1.85 20.17
CA ARG A 141 15.34 2.66 21.30
CA ARG A 141 15.33 2.66 21.28
C ARG A 141 16.13 3.95 21.40
N ALA A 142 17.46 3.85 21.30
CA ALA A 142 18.31 5.04 21.37
C ALA A 142 17.98 6.02 20.25
N TRP A 143 17.82 5.52 19.03
CA TRP A 143 17.48 6.40 17.91
C TRP A 143 16.12 7.04 18.09
N THR A 144 15.16 6.29 18.66
CA THR A 144 13.84 6.88 18.93
C THR A 144 13.96 8.05 19.88
N ARG A 145 14.76 7.91 20.93
N ARG A 145 14.72 7.89 20.97
CA ARG A 145 14.92 8.98 21.92
CA ARG A 145 14.93 8.99 21.91
C ARG A 145 15.72 10.15 21.37
C ARG A 145 15.60 10.17 21.22
N LEU A 146 16.63 9.90 20.42
CA LEU A 146 17.42 10.97 19.84
C LEU A 146 16.68 11.72 18.74
N TYR A 147 16.00 11.00 17.86
CA TYR A 147 15.47 11.58 16.63
C TYR A 147 13.96 11.69 16.58
N ALA A 148 13.24 10.91 17.40
CA ALA A 148 11.78 10.83 17.28
C ALA A 148 11.07 11.32 18.54
N MET A 149 11.76 12.09 19.37
CA MET A 149 11.15 12.72 20.53
C MET A 149 11.52 14.20 20.49
N ASN A 150 10.54 15.06 20.74
CA ASN A 150 10.73 16.51 20.65
C ASN A 150 11.19 16.94 19.27
N ASN A 151 10.75 16.22 18.24
CA ASN A 151 11.05 16.56 16.86
C ASN A 151 9.84 17.15 16.12
N ILE A 152 8.68 17.22 16.75
CA ILE A 152 7.48 17.70 16.10
C ILE A 152 7.28 19.19 16.41
N SER B 3 11.16 -2.47 -12.06
CA SER B 3 10.49 -2.74 -13.33
C SER B 3 11.07 -4.00 -13.98
N GLY B 4 10.36 -4.53 -14.98
CA GLY B 4 10.82 -5.68 -15.72
C GLY B 4 10.13 -5.81 -17.07
N PHE B 5 9.53 -6.96 -17.33
CA PHE B 5 8.83 -7.21 -18.59
C PHE B 5 7.41 -7.66 -18.31
N LYS B 6 6.46 -6.96 -18.92
CA LYS B 6 5.05 -7.11 -18.59
C LYS B 6 4.43 -8.27 -19.37
N CYS B 7 3.77 -9.16 -18.65
CA CYS B 7 3.04 -10.25 -19.29
C CYS B 7 1.74 -9.71 -19.84
N PRO B 8 1.45 -9.87 -21.13
CA PRO B 8 0.19 -9.34 -21.66
C PRO B 8 -1.03 -10.11 -21.19
N ILE B 9 -0.85 -11.31 -20.65
CA ILE B 9 -2.00 -12.11 -20.21
C ILE B 9 -2.51 -11.64 -18.85
N CYS B 10 -1.59 -11.43 -17.90
CA CYS B 10 -2.00 -11.10 -16.54
C CYS B 10 -1.49 -9.75 -16.05
N SER B 11 -0.69 -9.04 -16.86
CA SER B 11 -0.19 -7.70 -16.60
C SER B 11 0.95 -7.65 -15.56
N LYS B 12 1.34 -8.78 -14.98
CA LYS B 12 2.44 -8.80 -14.02
CA LYS B 12 2.44 -8.79 -14.03
C LYS B 12 3.76 -8.57 -14.75
N SER B 13 4.66 -7.82 -14.11
CA SER B 13 6.00 -7.61 -14.63
C SER B 13 6.94 -8.59 -13.95
N VAL B 14 7.78 -9.25 -14.75
CA VAL B 14 8.72 -10.24 -14.26
C VAL B 14 10.10 -9.95 -14.83
N ALA B 15 11.11 -10.47 -14.14
CA ALA B 15 12.48 -10.35 -14.62
C ALA B 15 12.67 -11.20 -15.87
N SER B 16 13.71 -10.88 -16.64
CA SER B 16 13.93 -11.58 -17.90
C SER B 16 14.16 -13.07 -17.69
N ASP B 17 14.81 -13.45 -16.58
CA ASP B 17 15.08 -14.85 -16.29
C ASP B 17 13.89 -15.59 -15.67
N GLU B 18 12.79 -14.88 -15.37
CA GLU B 18 11.54 -15.51 -14.94
C GLU B 18 10.50 -15.51 -16.05
N MET B 19 10.82 -14.88 -17.17
CA MET B 19 9.85 -14.59 -18.20
C MET B 19 9.34 -15.87 -18.86
N GLU B 20 10.24 -16.78 -19.19
CA GLU B 20 9.85 -18.00 -19.90
C GLU B 20 8.89 -18.84 -19.06
N MET B 21 9.27 -19.14 -17.82
N MET B 21 9.24 -19.12 -17.81
CA MET B 21 8.41 -19.92 -16.94
CA MET B 21 8.36 -19.96 -17.00
C MET B 21 7.08 -19.22 -16.69
C MET B 21 7.07 -19.24 -16.63
N HIS B 22 7.11 -17.92 -16.49
CA HIS B 22 5.89 -17.17 -16.23
C HIS B 22 4.94 -17.22 -17.42
N PHE B 23 5.47 -16.92 -18.61
CA PHE B 23 4.61 -16.85 -19.80
C PHE B 23 4.02 -18.22 -20.11
N ILE B 24 4.82 -19.28 -19.97
CA ILE B 24 4.31 -20.64 -20.16
C ILE B 24 3.15 -20.91 -19.20
N MET B 25 3.30 -20.52 -17.93
CA MET B 25 2.24 -20.73 -16.95
C MET B 25 0.97 -20.00 -17.34
N CYS B 26 1.09 -18.72 -17.72
CA CYS B 26 -0.09 -17.96 -18.11
C CYS B 26 -0.71 -18.47 -19.41
N LEU B 27 0.07 -19.16 -20.24
CA LEU B 27 -0.47 -19.76 -21.46
C LEU B 27 -1.11 -21.12 -21.20
N SER B 28 -1.01 -21.65 -19.98
CA SER B 28 -1.41 -23.03 -19.71
C SER B 28 -2.85 -23.16 -19.23
N LYS B 29 -3.53 -22.06 -18.93
CA LYS B 29 -4.83 -22.09 -18.28
C LYS B 29 -5.54 -20.79 -18.61
N PRO B 30 -6.88 -20.78 -18.60
CA PRO B 30 -7.60 -19.53 -18.84
C PRO B 30 -7.28 -18.50 -17.76
N ARG B 31 -7.06 -17.26 -18.19
CA ARG B 31 -6.78 -16.20 -17.25
C ARG B 31 -8.05 -15.81 -16.50
N LEU B 32 -7.87 -15.04 -15.42
CA LEU B 32 -8.99 -14.57 -14.62
C LEU B 32 -9.94 -13.77 -15.50
N SER B 33 -11.25 -13.98 -15.29
N SER B 33 -11.24 -13.98 -15.29
CA SER B 33 -12.29 -13.32 -16.06
CA SER B 33 -12.24 -13.24 -16.05
C SER B 33 -13.40 -12.88 -15.12
C SER B 33 -13.29 -12.68 -15.10
N TYR B 34 -14.35 -12.12 -15.66
CA TYR B 34 -15.50 -11.68 -14.91
C TYR B 34 -16.72 -11.77 -15.82
N ASN B 35 -17.89 -11.71 -15.20
CA ASN B 35 -19.15 -11.65 -15.94
C ASN B 35 -19.64 -10.20 -15.96
N ASP B 36 -20.02 -9.73 -17.14
CA ASP B 36 -20.68 -8.44 -17.25
C ASP B 36 -22.09 -8.55 -16.68
N ASP B 37 -22.55 -7.48 -16.03
CA ASP B 37 -23.90 -7.45 -15.51
C ASP B 37 -24.33 -6.01 -15.36
N VAL B 38 -25.64 -5.83 -15.18
CA VAL B 38 -26.22 -4.54 -14.81
C VAL B 38 -26.72 -4.68 -13.38
N LEU B 39 -26.26 -3.80 -12.50
CA LEU B 39 -26.53 -3.97 -11.09
C LEU B 39 -28.02 -3.83 -10.81
N THR B 40 -28.59 -4.80 -10.10
CA THR B 40 -30.02 -4.82 -9.86
C THR B 40 -30.43 -3.97 -8.67
N LYS B 41 -29.51 -3.64 -7.76
CA LYS B 41 -29.84 -2.82 -6.61
C LYS B 41 -28.56 -2.22 -6.06
N ASP B 42 -28.71 -1.08 -5.38
CA ASP B 42 -27.54 -0.38 -4.83
C ASP B 42 -26.72 -1.32 -3.96
N ALA B 43 -25.39 -1.15 -4.01
CA ALA B 43 -24.48 -2.07 -3.33
C ALA B 43 -23.30 -1.35 -2.69
N GLY B 44 -23.50 -0.13 -2.23
CA GLY B 44 -22.40 0.57 -1.57
C GLY B 44 -21.36 1.06 -2.57
N GLU B 45 -20.22 1.47 -2.02
CA GLU B 45 -19.18 2.09 -2.83
C GLU B 45 -18.29 1.04 -3.48
N CYS B 46 -17.99 1.26 -4.76
CA CYS B 46 -16.96 0.49 -5.45
C CYS B 46 -15.60 0.77 -4.80
N VAL B 47 -14.86 -0.29 -4.45
CA VAL B 47 -13.63 -0.06 -3.69
C VAL B 47 -12.54 0.56 -4.54
N ILE B 48 -12.69 0.55 -5.87
CA ILE B 48 -11.67 1.14 -6.74
C ILE B 48 -11.86 2.66 -6.83
N CYS B 49 -13.03 3.10 -7.25
CA CYS B 49 -13.27 4.53 -7.48
C CYS B 49 -13.92 5.25 -6.31
N LEU B 50 -14.48 4.52 -5.34
CA LEU B 50 -15.23 5.05 -4.20
C LEU B 50 -16.55 5.70 -4.60
N GLU B 51 -16.94 5.64 -5.87
CA GLU B 51 -18.28 6.02 -6.26
C GLU B 51 -19.25 4.91 -5.88
N GLU B 52 -20.51 5.29 -5.69
CA GLU B 52 -21.53 4.31 -5.35
C GLU B 52 -21.71 3.30 -6.47
N LEU B 53 -21.98 2.05 -6.07
CA LEU B 53 -22.48 1.03 -6.99
C LEU B 53 -24.00 1.14 -6.94
N LEU B 54 -24.59 1.81 -7.93
CA LEU B 54 -26.00 2.10 -7.95
C LEU B 54 -26.72 1.16 -8.90
N GLN B 55 -28.01 0.93 -8.61
CA GLN B 55 -28.87 0.19 -9.51
C GLN B 55 -28.73 0.75 -10.92
N GLY B 56 -28.57 -0.13 -11.90
CA GLY B 56 -28.35 0.26 -13.27
C GLY B 56 -26.90 0.36 -13.69
N ASP B 57 -25.96 0.35 -12.75
CA ASP B 57 -24.55 0.51 -13.09
C ASP B 57 -24.04 -0.66 -13.93
N THR B 58 -23.07 -0.35 -14.79
CA THR B 58 -22.43 -1.31 -15.67
C THR B 58 -21.30 -1.96 -14.88
N ILE B 59 -21.50 -3.19 -14.42
CA ILE B 59 -20.62 -3.79 -13.42
C ILE B 59 -19.96 -5.06 -13.95
N ALA B 60 -18.93 -5.48 -13.22
CA ALA B 60 -18.23 -6.74 -13.43
C ALA B 60 -18.35 -7.56 -12.15
N ARG B 61 -18.70 -8.82 -12.29
CA ARG B 61 -18.75 -9.75 -11.16
C ARG B 61 -17.70 -10.82 -11.35
N LEU B 62 -16.75 -10.89 -10.43
CA LEU B 62 -15.62 -11.80 -10.50
C LEU B 62 -15.98 -13.14 -9.87
N PRO B 63 -15.18 -14.19 -10.11
CA PRO B 63 -15.55 -15.52 -9.59
C PRO B 63 -15.62 -15.58 -8.07
N CYS B 64 -14.85 -14.74 -7.38
CA CYS B 64 -14.89 -14.62 -5.94
C CYS B 64 -16.10 -13.88 -5.44
N LEU B 65 -16.97 -13.41 -6.34
CA LEU B 65 -18.24 -12.73 -6.10
C LEU B 65 -18.08 -11.23 -5.85
N CYS B 66 -16.86 -10.70 -5.85
CA CYS B 66 -16.69 -9.26 -5.75
C CYS B 66 -17.24 -8.55 -6.98
N ILE B 67 -17.75 -7.34 -6.78
CA ILE B 67 -18.28 -6.53 -7.87
C ILE B 67 -17.59 -5.18 -7.90
N TYR B 68 -17.43 -4.66 -9.12
CA TYR B 68 -16.83 -3.35 -9.37
C TYR B 68 -17.53 -2.77 -10.58
N HIS B 69 -17.40 -1.46 -10.78
CA HIS B 69 -17.76 -0.94 -12.08
C HIS B 69 -16.86 -1.61 -13.12
N LYS B 70 -17.45 -1.94 -14.27
CA LYS B 70 -16.69 -2.54 -15.36
C LYS B 70 -15.47 -1.69 -15.70
N SER B 71 -15.67 -0.37 -15.82
CA SER B 71 -14.57 0.51 -16.17
C SER B 71 -13.45 0.43 -15.14
N CYS B 72 -13.80 0.35 -13.86
CA CYS B 72 -12.81 0.36 -12.79
C CYS B 72 -11.97 -0.91 -12.79
N ILE B 73 -12.63 -2.07 -12.86
CA ILE B 73 -11.85 -3.31 -12.86
C ILE B 73 -11.03 -3.43 -14.13
N ASP B 74 -11.54 -2.93 -15.25
CA ASP B 74 -10.77 -2.96 -16.49
C ASP B 74 -9.49 -2.15 -16.34
N SER B 75 -9.57 -0.98 -15.70
CA SER B 75 -8.38 -0.17 -15.47
C SER B 75 -7.38 -0.89 -14.58
N TRP B 76 -7.87 -1.52 -13.51
CA TRP B 76 -6.97 -2.26 -12.63
C TRP B 76 -6.33 -3.44 -13.36
N PHE B 77 -7.12 -4.16 -14.17
CA PHE B 77 -6.61 -5.31 -14.91
C PHE B 77 -5.47 -4.95 -15.87
N GLU B 78 -5.39 -3.68 -16.30
CA GLU B 78 -4.26 -3.25 -17.13
C GLU B 78 -2.95 -3.30 -16.36
N VAL B 79 -2.97 -3.19 -15.03
N VAL B 79 -3.02 -3.19 -15.03
CA VAL B 79 -1.74 -3.23 -14.26
CA VAL B 79 -1.87 -3.16 -14.15
C VAL B 79 -1.58 -4.49 -13.41
C VAL B 79 -1.60 -4.51 -13.51
N ASN B 80 -2.67 -5.17 -13.05
CA ASN B 80 -2.56 -6.40 -12.27
C ASN B 80 -3.90 -7.11 -12.43
N ARG B 81 -3.91 -8.23 -13.15
CA ARG B 81 -5.16 -8.96 -13.40
CA ARG B 81 -5.15 -8.97 -13.41
C ARG B 81 -5.46 -9.85 -12.20
N SER B 82 -6.04 -9.23 -11.17
CA SER B 82 -6.44 -9.91 -9.96
C SER B 82 -7.54 -9.11 -9.29
N CYS B 83 -8.35 -9.79 -8.50
CA CYS B 83 -9.36 -9.08 -7.72
C CYS B 83 -8.66 -8.21 -6.67
N PRO B 84 -9.01 -6.92 -6.57
CA PRO B 84 -8.42 -6.09 -5.51
C PRO B 84 -8.60 -6.64 -4.12
N GLU B 85 -9.68 -7.36 -3.85
N GLU B 85 -9.69 -7.37 -3.86
CA GLU B 85 -9.90 -7.92 -2.52
CA GLU B 85 -9.98 -7.92 -2.55
C GLU B 85 -9.33 -9.31 -2.35
C GLU B 85 -9.42 -9.33 -2.35
N HIS B 86 -9.16 -10.05 -3.43
CA HIS B 86 -8.66 -11.43 -3.39
C HIS B 86 -7.45 -11.52 -4.31
N PRO B 87 -6.33 -10.89 -3.94
CA PRO B 87 -5.19 -10.84 -4.87
C PRO B 87 -4.56 -12.19 -5.11
N ALA B 88 -4.68 -13.11 -4.14
CA ALA B 88 -4.25 -14.49 -4.28
C ALA B 88 -5.45 -15.43 -4.33
N ASP B 89 -6.50 -14.99 -5.04
CA ASP B 89 -7.73 -15.77 -5.19
C ASP B 89 -8.34 -16.23 -3.87
#